data_5TYI
#
_entry.id   5TYI
#
_cell.length_a   45.070
_cell.length_b   107.610
_cell.length_c   48.012
_cell.angle_alpha   90.00
_cell.angle_beta   101.38
_cell.angle_gamma   90.00
#
_symmetry.space_group_name_H-M   'P 1 21 1'
#
loop_
_entity.id
_entity.type
_entity.pdbx_description
1 polymer 'Growth factor receptor-bound protein 7'
2 polymer 'Peptide inhibitor'
3 water water
#
loop_
_entity_poly.entity_id
_entity_poly.type
_entity_poly.pdbx_seq_one_letter_code
_entity_poly.pdbx_strand_id
1 'polypeptide(L)'
;GSPASGTSLSAAIHRTQLWFHGRISREESQRLIGQQGLVDGLFLVRESQRNPQGFVLSLCHLQKVKHYLILPSEEEGRLY
FSMDDGQTRFTDLLQLVEFHQLNRGILPCLLRHCCTRVAL
;
A,B,C,D
2 'polypeptide(L)' KFEG(99Y)DNE(48V) L,M,N,P
#
# COMPACT_ATOMS: atom_id res chain seq x y z
N ILE A 13 -11.32 15.94 -22.25
CA ILE A 13 -11.66 14.83 -21.38
C ILE A 13 -11.70 13.53 -22.15
N HIS A 14 -12.07 12.45 -21.47
CA HIS A 14 -12.27 11.15 -22.11
C HIS A 14 -13.60 11.10 -22.88
N ARG A 15 -14.06 12.26 -23.34
CA ARG A 15 -15.34 12.43 -24.02
C ARG A 15 -15.27 12.00 -25.49
N THR A 16 -14.06 11.68 -25.95
CA THR A 16 -13.85 11.20 -27.32
C THR A 16 -13.80 9.67 -27.35
N GLN A 17 -13.91 9.06 -26.17
CA GLN A 17 -13.81 7.61 -26.01
C GLN A 17 -15.10 6.89 -26.33
N LEU A 18 -14.99 5.72 -26.96
CA LEU A 18 -16.14 4.95 -27.41
C LEU A 18 -16.92 4.35 -26.26
N TRP A 19 -16.23 4.15 -25.14
CA TRP A 19 -16.89 3.57 -23.98
C TRP A 19 -17.62 4.64 -23.20
N PHE A 20 -17.44 5.89 -23.59
CA PHE A 20 -18.13 6.97 -22.93
C PHE A 20 -19.44 7.30 -23.66
N HIS A 21 -20.55 7.19 -22.93
CA HIS A 21 -21.86 7.34 -23.53
C HIS A 21 -22.57 8.60 -23.08
N GLY A 22 -21.85 9.51 -22.43
CA GLY A 22 -22.46 10.77 -22.02
C GLY A 22 -23.59 10.60 -21.03
N ARG A 23 -24.65 11.37 -21.21
CA ARG A 23 -25.74 11.34 -20.24
C ARG A 23 -26.84 10.37 -20.67
N ILE A 24 -26.54 9.08 -20.61
CA ILE A 24 -27.56 8.06 -20.72
C ILE A 24 -27.93 7.61 -19.31
N SER A 25 -29.07 6.95 -19.18
CA SER A 25 -29.60 6.62 -17.88
C SER A 25 -29.09 5.26 -17.40
N ARG A 26 -29.25 5.00 -16.12
CA ARG A 26 -28.91 3.71 -15.53
C ARG A 26 -29.68 2.61 -16.25
N GLU A 27 -30.99 2.83 -16.43
CA GLU A 27 -31.84 1.82 -17.07
C GLU A 27 -31.47 1.57 -18.54
N GLU A 28 -31.10 2.61 -19.28
CA GLU A 28 -30.62 2.43 -20.65
C GLU A 28 -29.26 1.74 -20.73
N SER A 29 -28.39 2.09 -19.79
CA SER A 29 -27.06 1.51 -19.77
C SER A 29 -27.21 0.01 -19.50
N GLN A 30 -28.22 -0.35 -18.71
CA GLN A 30 -28.47 -1.77 -18.46
C GLN A 30 -29.05 -2.45 -19.68
N ARG A 31 -29.71 -1.67 -20.52
CA ARG A 31 -30.26 -2.24 -21.74
C ARG A 31 -29.13 -2.47 -22.72
N LEU A 32 -28.29 -1.45 -22.90
CA LEU A 32 -27.15 -1.55 -23.83
C LEU A 32 -26.26 -2.71 -23.48
N ILE A 33 -25.95 -2.85 -22.19
CA ILE A 33 -25.03 -3.87 -21.75
C ILE A 33 -25.65 -5.25 -21.93
N GLY A 34 -26.95 -5.35 -21.71
CA GLY A 34 -27.68 -6.60 -21.88
C GLY A 34 -27.77 -7.03 -23.33
N GLN A 35 -27.91 -6.03 -24.20
CA GLN A 35 -28.05 -6.28 -25.63
C GLN A 35 -26.77 -6.82 -26.25
N GLN A 36 -25.69 -6.85 -25.46
CA GLN A 36 -24.43 -7.36 -25.94
C GLN A 36 -23.98 -8.62 -25.19
N GLY A 37 -24.88 -9.24 -24.43
CA GLY A 37 -24.62 -10.59 -23.95
C GLY A 37 -24.59 -10.81 -22.47
N LEU A 38 -24.54 -9.72 -21.69
CA LEU A 38 -24.42 -9.81 -20.23
C LEU A 38 -23.25 -10.68 -19.77
N VAL A 39 -22.10 -10.49 -20.40
CA VAL A 39 -20.90 -11.21 -20.00
C VAL A 39 -20.05 -10.38 -19.06
N ASP A 40 -19.35 -11.05 -18.13
CA ASP A 40 -18.49 -10.35 -17.19
C ASP A 40 -17.48 -9.44 -17.88
N GLY A 41 -17.33 -8.23 -17.36
CA GLY A 41 -16.38 -7.26 -17.87
C GLY A 41 -16.87 -6.36 -18.97
N LEU A 42 -18.07 -6.62 -19.47
CA LEU A 42 -18.71 -5.72 -20.43
C LEU A 42 -19.02 -4.40 -19.68
N PHE A 43 -18.68 -3.25 -20.26
CA PHE A 43 -18.81 -2.01 -19.51
C PHE A 43 -19.03 -0.74 -20.35
N LEU A 44 -19.46 0.31 -19.68
CA LEU A 44 -19.50 1.65 -20.24
C LEU A 44 -19.40 2.67 -19.11
N VAL A 45 -19.15 3.93 -19.47
CA VAL A 45 -19.09 5.03 -18.52
C VAL A 45 -20.11 6.08 -18.89
N ARG A 46 -20.82 6.62 -17.92
CA ARG A 46 -21.82 7.65 -18.19
C ARG A 46 -21.73 8.77 -17.18
N GLU A 47 -22.39 9.88 -17.51
CA GLU A 47 -22.51 10.98 -16.58
C GLU A 47 -23.65 10.63 -15.64
N SER A 48 -23.49 10.91 -14.36
CA SER A 48 -24.54 10.61 -13.38
C SER A 48 -25.74 11.51 -13.53
N GLN A 49 -26.93 10.92 -13.46
CA GLN A 49 -28.19 11.67 -13.41
C GLN A 49 -28.59 12.04 -11.97
N ARG A 50 -27.83 11.55 -10.97
CA ARG A 50 -28.06 11.88 -9.55
C ARG A 50 -26.96 12.71 -8.90
N ASN A 51 -25.70 12.44 -9.25
CA ASN A 51 -24.59 13.26 -8.76
C ASN A 51 -24.02 14.04 -9.92
N PRO A 52 -24.39 15.31 -10.04
CA PRO A 52 -24.17 16.10 -11.26
C PRO A 52 -22.69 16.27 -11.59
N GLN A 53 -21.83 16.20 -10.59
CA GLN A 53 -20.41 16.39 -10.84
C GLN A 53 -19.72 15.06 -11.11
N GLY A 54 -20.51 13.99 -11.06
CA GLY A 54 -19.98 12.65 -11.08
C GLY A 54 -20.23 11.85 -12.33
N PHE A 55 -19.56 10.70 -12.38
CA PHE A 55 -19.70 9.78 -13.49
C PHE A 55 -20.00 8.40 -12.90
N VAL A 56 -20.43 7.48 -13.75
CA VAL A 56 -20.76 6.14 -13.34
C VAL A 56 -20.11 5.15 -14.29
N LEU A 57 -19.42 4.16 -13.73
CA LEU A 57 -18.93 3.00 -14.47
C LEU A 57 -19.97 1.89 -14.38
N SER A 58 -20.58 1.53 -15.49
CA SER A 58 -21.60 0.50 -15.49
C SER A 58 -20.98 -0.78 -16.01
N LEU A 59 -21.05 -1.83 -15.22
CA LEU A 59 -20.26 -3.02 -15.46
C LEU A 59 -21.07 -4.32 -15.29
N CYS A 60 -20.88 -5.27 -16.20
CA CYS A 60 -21.57 -6.55 -16.06
C CYS A 60 -20.75 -7.53 -15.24
N HIS A 61 -21.38 -8.11 -14.22
CA HIS A 61 -20.74 -9.18 -13.45
C HIS A 61 -21.78 -10.17 -12.92
N LEU A 62 -21.60 -11.45 -13.23
CA LEU A 62 -22.54 -12.49 -12.86
C LEU A 62 -23.94 -12.23 -13.39
N GLN A 63 -24.03 -11.84 -14.66
CA GLN A 63 -25.30 -11.57 -15.33
C GLN A 63 -26.08 -10.46 -14.62
N LYS A 64 -25.37 -9.60 -13.90
CA LYS A 64 -26.00 -8.44 -13.29
C LYS A 64 -25.25 -7.17 -13.67
N VAL A 65 -25.95 -6.09 -13.95
CA VAL A 65 -25.23 -4.85 -14.24
C VAL A 65 -25.11 -4.07 -12.94
N LYS A 66 -23.87 -3.77 -12.57
CA LYS A 66 -23.57 -3.01 -11.37
C LYS A 66 -23.07 -1.62 -11.75
N HIS A 67 -23.23 -0.66 -10.83
CA HIS A 67 -22.92 0.73 -11.12
C HIS A 67 -21.98 1.32 -10.09
N TYR A 68 -20.82 1.79 -10.55
CA TYR A 68 -19.79 2.30 -9.65
C TYR A 68 -19.72 3.80 -9.81
N LEU A 69 -20.02 4.50 -8.72
CA LEU A 69 -20.02 5.95 -8.74
C LEU A 69 -18.57 6.45 -8.76
N ILE A 70 -18.29 7.42 -9.63
CA ILE A 70 -16.97 8.04 -9.75
C ILE A 70 -17.12 9.55 -9.45
N LEU A 71 -16.49 10.05 -8.40
CA LEU A 71 -16.56 11.47 -8.03
C LEU A 71 -15.23 12.20 -8.22
N PRO A 72 -15.29 13.47 -8.63
CA PRO A 72 -14.10 14.32 -8.70
C PRO A 72 -13.75 14.97 -7.36
N SER A 73 -12.47 15.22 -7.14
CA SER A 73 -12.00 15.92 -5.93
C SER A 73 -10.75 16.76 -6.26
N GLU A 74 -10.35 17.62 -5.33
CA GLU A 74 -9.15 18.42 -5.52
C GLU A 74 -8.18 18.25 -4.35
N GLU A 76 -5.91 19.90 -2.49
CA GLU A 76 -4.89 20.90 -2.79
C GLU A 76 -4.85 21.27 -4.28
N GLY A 77 -5.99 21.73 -4.78
CA GLY A 77 -6.22 22.19 -6.14
C GLY A 77 -5.86 21.33 -7.35
N ARG A 78 -5.47 20.08 -7.12
CA ARG A 78 -5.23 19.16 -8.23
C ARG A 78 -6.46 18.28 -8.33
N LEU A 79 -7.07 18.22 -9.50
CA LEU A 79 -8.29 17.44 -9.65
C LEU A 79 -7.94 15.95 -9.83
N TYR A 80 -8.77 15.07 -9.26
CA TYR A 80 -8.66 13.63 -9.50
C TYR A 80 -10.03 12.97 -9.42
N PHE A 81 -10.08 11.73 -9.86
CA PHE A 81 -11.29 10.93 -9.85
C PHE A 81 -11.11 9.68 -9.02
N SER A 82 -12.14 9.30 -8.30
CA SER A 82 -12.04 8.16 -7.40
C SER A 82 -13.37 7.44 -7.19
N MET A 83 -13.33 6.13 -6.99
CA MET A 83 -14.53 5.36 -6.64
C MET A 83 -14.54 4.98 -5.17
N ASP A 84 -13.51 5.40 -4.44
CA ASP A 84 -13.34 4.94 -3.06
C ASP A 84 -12.89 6.06 -2.12
N ASP A 85 -13.51 7.23 -2.28
CA ASP A 85 -13.25 8.37 -1.40
C ASP A 85 -11.76 8.80 -1.39
N GLY A 86 -11.08 8.66 -2.51
CA GLY A 86 -9.70 9.12 -2.62
C GLY A 86 -8.64 8.15 -2.12
N GLN A 87 -9.04 6.94 -1.80
CA GLN A 87 -8.04 5.96 -1.40
C GLN A 87 -7.24 5.53 -2.63
N THR A 88 -7.92 5.37 -3.76
CA THR A 88 -7.23 5.17 -5.04
C THR A 88 -7.65 6.31 -5.96
N ARG A 89 -6.66 7.00 -6.53
CA ARG A 89 -6.90 8.23 -7.25
C ARG A 89 -6.41 8.18 -8.69
N PHE A 90 -7.19 8.78 -9.60
CA PHE A 90 -6.83 8.78 -11.02
C PHE A 90 -6.90 10.17 -11.60
N THR A 91 -5.98 10.45 -12.51
CA THR A 91 -5.86 11.75 -13.15
C THR A 91 -7.08 12.08 -13.99
N ASP A 92 -7.62 11.05 -14.65
CA ASP A 92 -8.78 11.24 -15.50
C ASP A 92 -9.53 9.93 -15.66
N LEU A 93 -10.68 10.02 -16.30
CA LEU A 93 -11.53 8.86 -16.53
C LEU A 93 -10.83 7.86 -17.43
N LEU A 94 -10.07 8.35 -18.39
CA LEU A 94 -9.36 7.46 -19.29
C LEU A 94 -8.35 6.60 -18.50
N GLN A 95 -7.57 7.22 -17.62
CA GLN A 95 -6.64 6.43 -16.82
C GLN A 95 -7.39 5.44 -15.93
N LEU A 96 -8.54 5.86 -15.42
CA LEU A 96 -9.31 5.00 -14.53
C LEU A 96 -9.74 3.75 -15.32
N VAL A 97 -10.21 3.96 -16.54
CA VAL A 97 -10.68 2.85 -17.35
C VAL A 97 -9.54 1.93 -17.74
N GLU A 98 -8.40 2.50 -18.13
CA GLU A 98 -7.26 1.70 -18.58
C GLU A 98 -6.64 0.90 -17.45
N PHE A 99 -6.59 1.50 -16.27
CA PHE A 99 -6.12 0.81 -15.09
C PHE A 99 -7.01 -0.40 -14.79
N HIS A 100 -8.33 -0.25 -14.86
CA HIS A 100 -9.18 -1.36 -14.44
C HIS A 100 -9.38 -2.40 -15.56
N GLN A 101 -8.79 -2.13 -16.71
CA GLN A 101 -8.64 -3.19 -17.73
C GLN A 101 -7.51 -4.16 -17.35
N LEU A 102 -6.62 -3.75 -16.45
CA LEU A 102 -5.47 -4.57 -16.04
C LEU A 102 -5.48 -5.06 -14.60
N ASN A 103 -6.15 -4.29 -13.75
CA ASN A 103 -6.18 -4.49 -12.31
C ASN A 103 -7.61 -4.48 -11.83
N ARG A 104 -7.98 -5.37 -10.93
CA ARG A 104 -9.35 -5.40 -10.46
C ARG A 104 -9.69 -4.24 -9.54
N GLY A 105 -8.73 -3.84 -8.70
CA GLY A 105 -8.99 -2.83 -7.68
C GLY A 105 -10.20 -3.24 -6.85
N ILE A 106 -11.14 -2.31 -6.63
CA ILE A 106 -12.33 -2.64 -5.85
C ILE A 106 -13.42 -3.32 -6.69
N LEU A 107 -13.18 -3.44 -7.99
CA LEU A 107 -14.19 -4.02 -8.90
C LEU A 107 -14.21 -5.54 -8.77
N PRO A 108 -15.37 -6.15 -9.04
CA PRO A 108 -15.54 -7.62 -8.96
C PRO A 108 -14.85 -8.39 -10.10
N CYS A 109 -14.49 -7.70 -11.17
CA CYS A 109 -13.83 -8.32 -12.31
C CYS A 109 -13.18 -7.24 -13.15
N LEU A 110 -12.36 -7.65 -14.12
CA LEU A 110 -11.65 -6.69 -14.98
C LEU A 110 -12.58 -6.05 -16.02
N LEU A 111 -12.33 -4.79 -16.36
CA LEU A 111 -12.98 -4.20 -17.52
C LEU A 111 -12.46 -4.85 -18.79
N ARG A 112 -13.28 -5.64 -19.45
CA ARG A 112 -12.81 -6.36 -20.64
C ARG A 112 -13.28 -5.73 -21.95
N HIS A 113 -14.57 -5.81 -22.22
CA HIS A 113 -15.08 -5.40 -23.52
C HIS A 113 -15.85 -4.11 -23.43
N CYS A 114 -15.51 -3.17 -24.29
CA CYS A 114 -16.21 -1.91 -24.34
C CYS A 114 -17.57 -2.09 -24.98
N CYS A 115 -18.60 -1.56 -24.32
CA CYS A 115 -19.92 -1.50 -24.93
C CYS A 115 -19.96 -0.20 -25.75
N THR A 116 -19.72 -0.30 -27.05
CA THR A 116 -19.49 0.87 -27.87
C THR A 116 -20.75 1.68 -28.20
N ARG A 117 -20.51 2.98 -28.42
CA ARG A 117 -21.45 4.03 -28.88
C ARG A 117 -21.64 5.08 -27.79
N ALA B 11 6.03 3.41 -25.24
CA ALA B 11 5.73 3.89 -26.58
C ALA B 11 6.60 5.10 -26.92
N ALA B 12 6.49 5.55 -28.18
CA ALA B 12 7.26 6.71 -28.63
C ALA B 12 6.89 7.96 -27.86
N ILE B 13 5.59 8.13 -27.60
CA ILE B 13 5.10 9.29 -26.87
C ILE B 13 5.66 9.33 -25.45
N HIS B 14 5.73 8.17 -24.81
CA HIS B 14 6.25 8.07 -23.45
C HIS B 14 7.72 8.46 -23.39
N ARG B 15 8.46 8.14 -24.46
CA ARG B 15 9.89 8.46 -24.53
C ARG B 15 10.15 9.94 -24.81
N THR B 16 9.09 10.68 -25.10
CA THR B 16 9.21 12.11 -25.39
C THR B 16 8.92 12.96 -24.15
N GLN B 17 8.56 12.32 -23.05
CA GLN B 17 8.16 13.05 -21.85
C GLN B 17 9.41 13.64 -21.18
N LEU B 18 9.24 14.81 -20.57
CA LEU B 18 10.37 15.54 -19.98
C LEU B 18 11.01 14.81 -18.81
N TRP B 19 10.26 13.91 -18.16
CA TRP B 19 10.82 13.16 -17.04
C TRP B 19 11.55 11.90 -17.52
N PHE B 20 11.45 11.59 -18.81
CA PHE B 20 12.14 10.43 -19.37
C PHE B 20 13.50 10.85 -19.91
N HIS B 21 14.55 10.22 -19.40
CA HIS B 21 15.89 10.64 -19.72
C HIS B 21 16.62 9.66 -20.62
N GLY B 22 15.91 8.69 -21.18
CA GLY B 22 16.53 7.73 -22.08
C GLY B 22 17.61 6.93 -21.36
N ARG B 23 18.73 6.70 -22.03
CA ARG B 23 19.72 5.83 -21.42
C ARG B 23 20.81 6.62 -20.69
N ILE B 24 20.45 7.27 -19.59
CA ILE B 24 21.45 7.81 -18.68
C ILE B 24 21.65 6.80 -17.55
N SER B 25 22.76 6.93 -16.82
CA SER B 25 23.16 5.92 -15.86
C SER B 25 22.58 6.15 -14.47
N ARG B 26 22.64 5.11 -13.65
CA ARG B 26 22.26 5.23 -12.26
C ARG B 26 23.05 6.31 -11.54
N GLU B 27 24.37 6.28 -11.72
CA GLU B 27 25.24 7.23 -11.04
C GLU B 27 24.97 8.66 -11.52
N GLU B 28 24.71 8.82 -12.80
CA GLU B 28 24.34 10.12 -13.37
C GLU B 28 22.95 10.55 -12.89
N SER B 29 22.05 9.58 -12.80
CA SER B 29 20.69 9.89 -12.36
C SER B 29 20.75 10.42 -10.92
N GLN B 30 21.68 9.87 -10.14
CA GLN B 30 21.87 10.31 -8.77
C GLN B 30 22.51 11.69 -8.71
N ARG B 31 23.27 12.07 -9.74
CA ARG B 31 23.87 13.41 -9.76
C ARG B 31 22.82 14.44 -10.12
N LEU B 32 22.02 14.17 -11.15
CA LEU B 32 20.98 15.08 -11.58
C LEU B 32 19.98 15.38 -10.45
N ILE B 33 19.57 14.33 -9.75
CA ILE B 33 18.58 14.49 -8.71
C ILE B 33 19.13 15.30 -7.53
N GLY B 34 20.40 15.10 -7.19
CA GLY B 34 21.00 15.87 -6.12
C GLY B 34 21.17 17.32 -6.51
N GLN B 35 21.47 17.53 -7.79
CA GLN B 35 21.67 18.87 -8.32
C GLN B 35 20.38 19.69 -8.40
N GLN B 36 19.23 19.09 -8.14
CA GLN B 36 18.00 19.88 -8.19
C GLN B 36 17.32 19.97 -6.82
N GLY B 37 18.03 19.63 -5.75
CA GLY B 37 17.53 19.95 -4.43
C GLY B 37 17.30 18.81 -3.47
N LEU B 38 17.34 17.58 -3.96
CA LEU B 38 17.08 16.41 -3.12
C LEU B 38 15.73 16.50 -2.40
N VAL B 39 14.69 16.94 -3.10
CA VAL B 39 13.37 17.04 -2.50
C VAL B 39 12.62 15.73 -2.73
N ASP B 40 11.82 15.32 -1.74
CA ASP B 40 11.06 14.08 -1.84
C ASP B 40 10.15 14.04 -3.06
N GLY B 41 10.17 12.93 -3.78
CA GLY B 41 9.34 12.81 -4.95
C GLY B 41 10.00 13.34 -6.19
N LEU B 42 11.17 13.95 -6.07
CA LEU B 42 11.90 14.36 -7.27
C LEU B 42 12.25 13.07 -8.01
N PHE B 43 12.02 13.03 -9.31
CA PHE B 43 12.15 11.77 -10.02
C PHE B 43 12.49 11.88 -11.49
N LEU B 44 12.92 10.78 -12.05
CA LEU B 44 13.11 10.70 -13.48
C LEU B 44 12.91 9.26 -13.85
N VAL B 45 12.78 8.98 -15.13
CA VAL B 45 12.68 7.61 -15.60
C VAL B 45 13.78 7.38 -16.62
N ARG B 46 14.43 6.23 -16.56
CA ARG B 46 15.51 5.95 -17.48
C ARG B 46 15.40 4.52 -18.01
N GLU B 47 16.16 4.23 -19.06
CA GLU B 47 16.29 2.87 -19.58
C GLU B 47 17.32 2.11 -18.77
N SER B 48 17.05 0.84 -18.48
CA SER B 48 17.98 0.03 -17.71
C SER B 48 19.24 -0.31 -18.52
N GLN B 49 20.40 -0.15 -17.87
CA GLN B 49 21.66 -0.61 -18.44
C GLN B 49 21.95 -2.07 -18.03
N ARG B 50 21.13 -2.62 -17.11
CA ARG B 50 21.31 -4.00 -16.63
C ARG B 50 20.26 -4.95 -17.19
N ASN B 51 19.03 -4.42 -17.31
CA ASN B 51 17.94 -5.15 -17.94
C ASN B 51 17.51 -4.46 -19.22
N PRO B 52 17.92 -5.00 -20.39
CA PRO B 52 17.82 -4.31 -21.69
C PRO B 52 16.39 -4.00 -22.10
N GLN B 53 15.45 -4.79 -21.61
CA GLN B 53 14.04 -4.58 -21.95
C GLN B 53 13.34 -3.78 -20.85
N GLY B 54 14.10 -3.37 -19.83
CA GLY B 54 13.49 -2.79 -18.65
C GLY B 54 13.72 -1.29 -18.54
N PHE B 55 13.02 -0.69 -17.57
CA PHE B 55 13.19 0.71 -17.26
C PHE B 55 13.40 0.82 -15.77
N VAL B 56 13.85 1.98 -15.33
CA VAL B 56 14.11 2.23 -13.93
C VAL B 56 13.50 3.56 -13.58
N LEU B 57 12.70 3.58 -12.51
CA LEU B 57 12.21 4.80 -11.89
C LEU B 57 13.18 5.23 -10.78
N SER B 58 13.82 6.38 -10.97
CA SER B 58 14.78 6.90 -9.98
C SER B 58 14.12 8.04 -9.21
N LEU B 59 14.09 7.87 -7.90
CA LEU B 59 13.26 8.71 -7.10
C LEU B 59 13.99 9.22 -5.86
N CYS B 60 13.83 10.49 -5.55
CA CYS B 60 14.43 11.00 -4.31
C CYS B 60 13.50 10.83 -3.13
N HIS B 61 13.99 10.19 -2.07
CA HIS B 61 13.23 10.11 -0.83
C HIS B 61 14.16 10.20 0.38
N LEU B 62 13.86 11.13 1.27
CA LEU B 62 14.67 11.36 2.46
C LEU B 62 16.13 11.60 2.06
N GLN B 63 16.33 12.43 1.05
CA GLN B 63 17.66 12.79 0.56
C GLN B 63 18.49 11.62 0.06
N LYS B 64 17.82 10.54 -0.31
CA LYS B 64 18.49 9.40 -0.96
C LYS B 64 17.80 9.02 -2.26
N VAL B 65 18.57 8.68 -3.28
CA VAL B 65 17.97 8.27 -4.53
C VAL B 65 17.77 6.77 -4.52
N LYS B 66 16.53 6.35 -4.73
CA LYS B 66 16.18 4.94 -4.79
C LYS B 66 15.81 4.57 -6.22
N HIS B 67 15.99 3.31 -6.58
CA HIS B 67 15.78 2.91 -7.96
C HIS B 67 14.84 1.71 -8.08
N TYR B 68 13.74 1.93 -8.80
CA TYR B 68 12.68 0.93 -8.93
C TYR B 68 12.67 0.41 -10.33
N LEU B 69 12.92 -0.88 -10.46
CA LEU B 69 12.96 -1.53 -11.76
C LEU B 69 11.54 -1.71 -12.31
N ILE B 70 11.39 -1.43 -13.61
CA ILE B 70 10.11 -1.60 -14.31
C ILE B 70 10.25 -2.57 -15.48
N LEU B 71 9.59 -3.70 -15.42
CA LEU B 71 9.69 -4.71 -16.47
C LEU B 71 8.40 -4.88 -17.23
N PRO B 72 8.52 -5.16 -18.54
CA PRO B 72 7.35 -5.48 -19.33
C PRO B 72 6.99 -6.97 -19.18
N SER B 73 5.69 -7.28 -19.29
CA SER B 73 5.14 -8.63 -19.29
C SER B 73 3.92 -8.68 -20.21
N GLU B 74 3.49 -9.89 -20.55
CA GLU B 74 2.28 -10.10 -21.36
C GLU B 74 1.38 -11.14 -20.68
N GLU B 75 0.11 -10.81 -20.47
CA GLU B 75 -0.86 -11.76 -19.90
C GLU B 75 -1.87 -12.19 -20.96
N ARG B 78 -2.48 -9.25 -23.49
CA ARG B 78 -2.27 -7.83 -23.28
C ARG B 78 -0.93 -7.54 -22.58
N LEU B 79 -0.17 -6.60 -23.17
CA LEU B 79 1.14 -6.19 -22.64
C LEU B 79 0.99 -5.24 -21.44
N TYR B 80 1.92 -5.32 -20.49
CA TYR B 80 1.90 -4.35 -19.40
C TYR B 80 3.29 -4.11 -18.77
N PHE B 81 3.37 -3.08 -17.94
CA PHE B 81 4.60 -2.77 -17.21
C PHE B 81 4.32 -2.85 -15.72
N SER B 82 5.28 -3.34 -14.97
CA SER B 82 5.10 -3.56 -13.56
C SER B 82 6.39 -3.44 -12.75
N MET B 83 6.27 -2.94 -11.52
CA MET B 83 7.36 -2.88 -10.58
C MET B 83 7.23 -3.95 -9.51
N ASP B 84 6.17 -4.75 -9.58
CA ASP B 84 5.97 -5.72 -8.50
C ASP B 84 5.52 -7.08 -9.00
N ASP B 85 6.08 -7.49 -10.14
CA ASP B 85 5.78 -8.79 -10.73
C ASP B 85 4.30 -9.00 -10.99
N GLY B 86 3.63 -7.97 -11.50
CA GLY B 86 2.24 -8.10 -11.90
C GLY B 86 1.18 -7.92 -10.85
N GLN B 87 1.56 -7.52 -9.62
CA GLN B 87 0.55 -7.23 -8.61
C GLN B 87 -0.19 -5.92 -8.95
N THR B 88 0.48 -4.93 -9.51
CA THR B 88 -0.11 -3.70 -10.05
C THR B 88 0.39 -3.55 -11.46
N ARG B 89 -0.48 -3.40 -12.44
CA ARG B 89 -0.10 -3.44 -13.84
C ARG B 89 -0.51 -2.18 -14.57
N PHE B 90 0.35 -1.70 -15.47
CA PHE B 90 0.11 -0.45 -16.17
C PHE B 90 0.26 -0.60 -17.66
N THR B 91 -0.54 0.15 -18.41
CA THR B 91 -0.50 0.05 -19.85
C THR B 91 0.82 0.57 -20.40
N ASP B 92 1.33 1.63 -19.80
CA ASP B 92 2.52 2.29 -20.32
C ASP B 92 3.26 3.01 -19.22
N LEU B 93 4.42 3.56 -19.53
CA LEU B 93 5.17 4.26 -18.52
C LEU B 93 4.45 5.50 -18.03
N LEU B 94 3.77 6.20 -18.94
CA LEU B 94 3.06 7.42 -18.57
C LEU B 94 2.00 7.15 -17.53
N GLN B 95 1.25 6.08 -17.75
CA GLN B 95 0.21 5.71 -16.81
C GLN B 95 0.85 5.38 -15.46
N LEU B 96 2.01 4.72 -15.49
CA LEU B 96 2.67 4.34 -14.24
C LEU B 96 3.07 5.59 -13.49
N VAL B 97 3.66 6.55 -14.20
CA VAL B 97 4.12 7.79 -13.58
C VAL B 97 2.96 8.64 -13.07
N GLU B 98 1.89 8.76 -13.87
CA GLU B 98 0.76 9.59 -13.46
C GLU B 98 0.01 8.96 -12.28
N PHE B 99 -0.09 7.65 -12.28
CA PHE B 99 -0.66 6.92 -11.15
C PHE B 99 0.13 7.18 -9.88
N HIS B 100 1.46 7.15 -9.96
CA HIS B 100 2.25 7.31 -8.73
C HIS B 100 2.47 8.76 -8.33
N GLN B 101 1.99 9.68 -9.15
CA GLN B 101 1.90 11.06 -8.71
C GLN B 101 0.72 11.28 -7.74
N LEU B 102 -0.26 10.37 -7.76
CA LEU B 102 -1.45 10.47 -6.87
C LEU B 102 -1.54 9.37 -5.82
N ASN B 103 -0.91 8.21 -6.07
CA ASN B 103 -1.00 7.06 -5.19
C ASN B 103 0.42 6.56 -4.89
N ARG B 104 0.74 6.31 -3.64
CA ARG B 104 2.10 5.90 -3.26
C ARG B 104 2.44 4.50 -3.78
N GLY B 105 1.46 3.60 -3.75
CA GLY B 105 1.70 2.23 -4.12
C GLY B 105 2.87 1.69 -3.29
N ILE B 106 3.79 0.99 -3.94
CA ILE B 106 4.94 0.43 -3.25
C ILE B 106 6.06 1.44 -3.01
N LEU B 107 5.90 2.65 -3.54
CA LEU B 107 6.94 3.68 -3.42
C LEU B 107 6.89 4.29 -2.02
N PRO B 108 8.03 4.82 -1.51
CA PRO B 108 8.06 5.42 -0.17
C PRO B 108 7.38 6.79 -0.09
N CYS B 109 7.11 7.39 -1.24
CA CYS B 109 6.46 8.70 -1.26
C CYS B 109 5.93 8.90 -2.64
N LEU B 110 5.14 9.96 -2.80
CA LEU B 110 4.55 10.30 -4.08
C LEU B 110 5.57 10.89 -5.00
N LEU B 111 5.41 10.59 -6.28
CA LEU B 111 6.15 11.30 -7.32
C LEU B 111 5.62 12.72 -7.37
N ARG B 112 6.44 13.66 -6.96
CA ARG B 112 6.02 15.03 -6.93
C ARG B 112 6.57 15.79 -8.12
N HIS B 113 7.86 16.05 -8.08
CA HIS B 113 8.46 16.94 -9.06
C HIS B 113 9.34 16.23 -10.07
N CYS B 114 9.13 16.58 -11.32
CA CYS B 114 9.88 16.03 -12.41
C CYS B 114 11.29 16.58 -12.43
N CYS B 115 12.25 15.68 -12.53
CA CYS B 115 13.64 16.05 -12.76
C CYS B 115 13.79 16.16 -14.27
N THR B 116 13.75 17.37 -14.79
CA THR B 116 13.73 17.56 -16.25
C THR B 116 15.12 17.42 -16.88
N ARG B 117 15.13 16.96 -18.12
CA ARG B 117 16.35 16.86 -18.92
C ARG B 117 17.16 18.16 -18.91
N HIS C 14 -7.02 -7.72 23.25
CA HIS C 14 -6.58 -6.90 24.37
C HIS C 14 -7.77 -6.19 25.04
N ARG C 15 -8.25 -6.74 26.15
CA ARG C 15 -9.44 -6.26 26.83
C ARG C 15 -9.20 -5.04 27.74
N THR C 16 -7.94 -4.66 27.93
CA THR C 16 -7.64 -3.52 28.79
C THR C 16 -7.45 -2.19 28.02
N GLN C 17 -7.44 -2.24 26.70
CA GLN C 17 -7.16 -1.05 25.91
C GLN C 17 -8.37 -0.13 25.83
N LEU C 18 -8.15 1.17 25.90
CA LEU C 18 -9.26 2.13 25.89
C LEU C 18 -10.00 2.13 24.55
N TRP C 19 -9.33 1.68 23.49
CA TRP C 19 -9.93 1.65 22.16
C TRP C 19 -10.77 0.38 21.90
N PHE C 20 -10.69 -0.59 22.81
CA PHE C 20 -11.44 -1.83 22.66
C PHE C 20 -12.79 -1.77 23.37
N HIS C 21 -13.88 -1.94 22.62
CA HIS C 21 -15.22 -1.73 23.17
C HIS C 21 -15.98 -3.00 23.37
N GLY C 22 -15.32 -4.13 23.22
CA GLY C 22 -15.98 -5.40 23.41
C GLY C 22 -17.07 -5.63 22.39
N ARG C 23 -18.18 -6.18 22.84
CA ARG C 23 -19.23 -6.59 21.91
C ARG C 23 -20.32 -5.54 21.77
N ILE C 24 -19.97 -4.42 21.15
CA ILE C 24 -20.97 -3.44 20.71
C ILE C 24 -21.26 -3.62 19.23
N SER C 25 -22.35 -3.02 18.79
CA SER C 25 -22.86 -3.20 17.45
C SER C 25 -22.26 -2.22 16.46
N ARG C 26 -22.46 -2.51 15.18
CA ARG C 26 -22.05 -1.61 14.11
C ARG C 26 -22.72 -0.24 14.29
N GLU C 27 -24.03 -0.24 14.56
CA GLU C 27 -24.78 1.01 14.72
C GLU C 27 -24.32 1.81 15.93
N GLU C 28 -24.03 1.12 17.02
CA GLU C 28 -23.52 1.77 18.23
C GLU C 28 -22.13 2.38 18.03
N SER C 29 -21.27 1.71 17.27
CA SER C 29 -19.92 2.25 17.02
C SER C 29 -20.00 3.54 16.20
N GLN C 30 -20.99 3.61 15.31
CA GLN C 30 -21.18 4.79 14.50
C GLN C 30 -21.73 5.94 15.32
N ARG C 31 -22.44 5.60 16.40
CA ARG C 31 -22.94 6.63 17.26
C ARG C 31 -21.80 7.15 18.12
N LEU C 32 -21.04 6.21 18.68
CA LEU C 32 -19.95 6.57 19.56
C LEU C 32 -18.97 7.47 18.78
N ILE C 33 -18.66 7.09 17.55
CA ILE C 33 -17.68 7.83 16.76
C ILE C 33 -18.23 9.19 16.36
N GLY C 34 -19.52 9.25 16.04
CA GLY C 34 -20.15 10.52 15.69
C GLY C 34 -20.24 11.47 16.88
N GLN C 35 -20.51 10.91 18.04
CA GLN C 35 -20.66 11.71 19.25
C GLN C 35 -19.32 12.30 19.74
N GLN C 36 -18.22 11.90 19.14
CA GLN C 36 -16.93 12.43 19.56
C GLN C 36 -16.27 13.25 18.46
N GLY C 37 -17.05 13.59 17.43
CA GLY C 37 -16.66 14.58 16.45
C GLY C 37 -16.57 14.19 14.99
N LEU C 38 -16.58 12.89 14.69
CA LEU C 38 -16.41 12.40 13.30
C LEU C 38 -15.16 12.94 12.67
N VAL C 39 -14.04 12.89 13.38
CA VAL C 39 -12.78 13.33 12.83
C VAL C 39 -12.09 12.15 12.16
N ASP C 40 -11.42 12.37 11.02
CA ASP C 40 -10.64 11.31 10.36
C ASP C 40 -9.66 10.70 11.35
N GLY C 41 -9.53 9.37 11.30
CA GLY C 41 -8.60 8.67 12.18
C GLY C 41 -9.21 8.28 13.52
N LEU C 42 -10.41 8.75 13.80
CA LEU C 42 -11.14 8.29 14.98
C LEU C 42 -11.46 6.81 14.84
N PHE C 43 -11.17 6.00 15.85
CA PHE C 43 -11.36 4.55 15.69
C PHE C 43 -11.63 3.80 16.99
N LEU C 44 -12.13 2.59 16.83
CA LEU C 44 -12.27 1.67 17.94
C LEU C 44 -12.23 0.28 17.35
N VAL C 45 -12.07 -0.70 18.23
CA VAL C 45 -12.13 -2.11 17.85
C VAL C 45 -13.27 -2.75 18.65
N ARG C 46 -14.02 -3.61 17.99
CA ARG C 46 -15.18 -4.25 18.61
C ARG C 46 -15.16 -5.70 18.20
N GLU C 47 -15.99 -6.50 18.88
CA GLU C 47 -16.19 -7.89 18.51
C GLU C 47 -17.19 -7.95 17.38
N SER C 48 -17.00 -8.86 16.44
CA SER C 48 -17.97 -9.00 15.37
C SER C 48 -19.26 -9.63 15.92
N GLN C 49 -20.42 -9.05 15.59
CA GLN C 49 -21.68 -9.68 15.96
C GLN C 49 -22.11 -10.69 14.88
N ARG C 50 -21.42 -10.70 13.75
CA ARG C 50 -21.74 -11.56 12.62
C ARG C 50 -20.73 -12.70 12.41
N ASN C 51 -19.44 -12.43 12.65
CA ASN C 51 -18.42 -13.46 12.61
C ASN C 51 -17.90 -13.69 14.02
N PRO C 52 -18.37 -14.76 14.68
CA PRO C 52 -18.21 -14.92 16.14
C PRO C 52 -16.77 -14.97 16.63
N GLN C 53 -15.84 -15.36 15.77
CA GLN C 53 -14.44 -15.42 16.20
C GLN C 53 -13.65 -14.17 15.77
N GLY C 54 -14.31 -13.24 15.10
CA GLY C 54 -13.60 -12.13 14.47
C GLY C 54 -13.78 -10.82 15.20
N PHE C 55 -13.02 -9.81 14.78
CA PHE C 55 -13.12 -8.48 15.35
C PHE C 55 -13.32 -7.48 14.23
N VAL C 56 -13.66 -6.26 14.58
CA VAL C 56 -13.89 -5.23 13.58
C VAL C 56 -13.22 -3.95 14.03
N LEU C 57 -12.41 -3.40 13.13
CA LEU C 57 -11.84 -2.07 13.33
C LEU C 57 -12.77 -1.06 12.69
N SER C 58 -13.40 -0.23 13.51
CA SER C 58 -14.36 0.76 13.00
C SER C 58 -13.67 2.12 12.96
N LEU C 59 -13.65 2.73 11.78
CA LEU C 59 -12.77 3.87 11.54
C LEU C 59 -13.49 4.99 10.79
N CYS C 60 -13.29 6.24 11.24
CA CYS C 60 -13.85 7.39 10.56
C CYS C 60 -12.92 7.93 9.48
N HIS C 61 -13.44 8.05 8.27
CA HIS C 61 -12.68 8.62 7.16
C HIS C 61 -13.61 9.43 6.27
N LEU C 62 -13.26 10.70 6.09
CA LEU C 62 -14.09 11.64 5.33
C LEU C 62 -15.51 11.68 5.85
N GLN C 63 -15.68 11.79 7.17
CA GLN C 63 -17.00 11.87 7.79
C GLN C 63 -17.88 10.65 7.50
N LYS C 64 -17.23 9.53 7.17
CA LYS C 64 -17.93 8.26 7.02
C LYS C 64 -17.30 7.21 7.90
N VAL C 65 -18.12 6.37 8.52
CA VAL C 65 -17.60 5.30 9.35
C VAL C 65 -17.45 4.01 8.53
N LYS C 66 -16.22 3.52 8.44
CA LYS C 66 -15.91 2.29 7.72
C LYS C 66 -15.51 1.17 8.70
N HIS C 67 -15.76 -0.07 8.31
CA HIS C 67 -15.60 -1.19 9.22
C HIS C 67 -14.75 -2.28 8.60
N TYR C 68 -13.61 -2.56 9.22
CA TYR C 68 -12.66 -3.52 8.67
C TYR C 68 -12.67 -4.78 9.52
N LEU C 69 -13.03 -5.89 8.89
CA LEU C 69 -13.08 -7.17 9.59
C LEU C 69 -11.67 -7.70 9.86
N ILE C 70 -11.46 -8.23 11.06
CA ILE C 70 -10.18 -8.83 11.48
C ILE C 70 -10.39 -10.30 11.85
N LEU C 71 -9.78 -11.20 11.10
CA LEU C 71 -9.98 -12.64 11.34
C LEU C 71 -8.70 -13.31 11.88
N PRO C 72 -8.87 -14.29 12.79
CA PRO C 72 -7.76 -15.10 13.28
C PRO C 72 -7.47 -16.29 12.35
N SER C 73 -6.19 -16.68 12.27
CA SER C 73 -5.73 -17.82 11.46
C SER C 73 -4.56 -18.49 12.18
N GLU C 74 -4.07 -19.57 11.63
CA GLU C 74 -2.95 -20.29 12.20
C GLU C 74 -1.87 -20.71 11.20
N GLU C 75 -0.66 -20.73 11.70
CA GLU C 75 0.54 -21.11 10.99
C GLU C 75 1.60 -22.01 11.69
N GLY C 77 1.82 -23.66 13.69
CA GLY C 77 0.55 -23.23 14.21
C GLY C 77 0.71 -22.06 15.13
N ARG C 78 0.80 -20.90 14.58
CA ARG C 78 0.94 -19.82 15.46
C ARG C 78 -0.26 -18.92 15.02
N LEU C 79 -1.04 -18.48 15.99
CA LEU C 79 -2.17 -17.63 15.77
C LEU C 79 -1.79 -16.26 15.29
N TYR C 80 -2.51 -15.72 14.36
CA TYR C 80 -2.31 -14.34 13.99
C TYR C 80 -3.62 -13.72 13.52
N PHE C 81 -3.62 -12.40 13.42
CA PHE C 81 -4.78 -11.64 12.97
C PHE C 81 -4.44 -10.91 11.69
N SER C 82 -5.42 -10.82 10.79
CA SER C 82 -5.22 -10.22 9.48
C SER C 82 -6.53 -9.62 8.97
N MET C 83 -6.42 -8.49 8.28
CA MET C 83 -7.54 -7.83 7.62
C MET C 83 -7.48 -8.07 6.12
N ASP C 84 -6.48 -8.82 5.68
CA ASP C 84 -6.28 -9.01 4.26
C ASP C 84 -5.90 -10.44 3.84
N ASP C 85 -6.52 -11.42 4.49
CA ASP C 85 -6.28 -12.85 4.20
C ASP C 85 -4.82 -13.30 4.35
N GLY C 86 -4.16 -12.81 5.39
CA GLY C 86 -2.81 -13.26 5.70
C GLY C 86 -1.65 -12.60 4.97
N GLN C 87 -1.95 -11.55 4.21
CA GLN C 87 -0.93 -10.79 3.51
C GLN C 87 -0.13 -9.95 4.50
N THR C 88 -0.83 -9.38 5.47
CA THR C 88 -0.18 -8.71 6.60
C THR C 88 -0.65 -9.39 7.87
N ARG C 89 0.29 -9.80 8.71
CA ARG C 89 -0.08 -10.63 9.85
C ARG C 89 0.35 -10.03 11.19
N PHE C 90 -0.51 -10.18 12.18
CA PHE C 90 -0.23 -9.58 13.47
C PHE C 90 -0.42 -10.57 14.61
N THR C 91 0.43 -10.47 15.62
CA THR C 91 0.40 -11.37 16.77
C THR C 91 -0.88 -11.20 17.59
N ASP C 92 -1.34 -9.97 17.77
CA ASP C 92 -2.52 -9.74 18.56
C ASP C 92 -3.15 -8.41 18.13
N LEU C 93 -4.32 -8.09 18.68
CA LEU C 93 -5.01 -6.91 18.24
C LEU C 93 -4.21 -5.66 18.57
N LEU C 94 -3.55 -5.66 19.73
CA LEU C 94 -2.78 -4.48 20.14
C LEU C 94 -1.73 -4.11 19.10
N GLN C 95 -1.00 -5.11 18.61
CA GLN C 95 0.01 -4.92 17.58
C GLN C 95 -0.63 -4.43 16.26
N LEU C 96 -1.82 -4.94 15.93
CA LEU C 96 -2.51 -4.51 14.72
C LEU C 96 -2.85 -3.02 14.79
N VAL C 97 -3.41 -2.60 15.93
CA VAL C 97 -3.82 -1.23 16.14
C VAL C 97 -2.62 -0.28 16.18
N GLU C 98 -1.57 -0.68 16.90
CA GLU C 98 -0.35 0.12 17.00
C GLU C 98 0.37 0.23 15.65
N PHE C 99 0.34 -0.84 14.88
CA PHE C 99 0.94 -0.76 13.56
C PHE C 99 0.24 0.29 12.68
N HIS C 100 -1.10 0.27 12.70
CA HIS C 100 -1.87 1.14 11.82
C HIS C 100 -2.02 2.57 12.36
N GLN C 101 -1.48 2.83 13.55
CA GLN C 101 -1.35 4.22 13.98
C GLN C 101 -0.16 4.89 13.31
N LEU C 102 0.78 4.07 12.81
CA LEU C 102 2.00 4.61 12.20
C LEU C 102 2.10 4.35 10.69
N ASN C 103 1.43 3.30 10.23
CA ASN C 103 1.47 2.89 8.83
C ASN C 103 0.03 2.76 8.33
N ARG C 104 -0.28 3.26 7.14
CA ARG C 104 -1.64 3.20 6.61
C ARG C 104 -2.10 1.78 6.24
N GLY C 105 -1.22 0.96 5.67
CA GLY C 105 -1.63 -0.35 5.18
C GLY C 105 -2.82 -0.31 4.20
N ILE C 106 -3.81 -1.16 4.42
CA ILE C 106 -5.00 -1.19 3.54
C ILE C 106 -6.05 -0.14 3.90
N LEU C 107 -5.80 0.60 4.98
CA LEU C 107 -6.74 1.60 5.47
C LEU C 107 -6.65 2.91 4.66
N PRO C 108 -7.76 3.66 4.57
CA PRO C 108 -7.76 4.93 3.84
C PRO C 108 -6.98 6.03 4.57
N CYS C 109 -6.71 5.82 5.86
CA CYS C 109 -5.96 6.78 6.66
C CYS C 109 -5.40 6.12 7.91
N LEU C 110 -4.55 6.84 8.62
CA LEU C 110 -3.95 6.38 9.85
C LEU C 110 -4.96 6.37 10.99
N LEU C 111 -4.83 5.40 11.88
CA LEU C 111 -5.57 5.44 13.14
C LEU C 111 -4.98 6.55 14.01
N ARG C 112 -5.70 7.64 14.14
CA ARG C 112 -5.21 8.82 14.84
C ARG C 112 -5.78 8.91 16.24
N HIS C 113 -7.11 8.98 16.35
CA HIS C 113 -7.73 9.25 17.65
C HIS C 113 -8.49 8.06 18.18
N CYS C 114 -8.20 7.67 19.40
CA CYS C 114 -8.93 6.60 20.03
C CYS C 114 -10.33 7.08 20.49
N CYS C 115 -11.38 6.37 20.10
CA CYS C 115 -12.73 6.62 20.62
C CYS C 115 -12.90 5.82 21.90
N THR C 116 -12.82 6.48 23.06
CA THR C 116 -12.78 5.77 24.34
C THR C 116 -14.16 5.25 24.74
N ARG C 117 -14.19 4.14 25.48
CA ARG C 117 -15.44 3.58 25.99
C ARG C 117 -16.10 4.49 27.00
N VAL C 118 -17.41 4.35 27.15
CA VAL C 118 -18.17 5.14 28.11
C VAL C 118 -17.91 4.69 29.56
N ILE D 13 13.36 -0.79 27.03
CA ILE D 13 12.11 -1.55 26.90
C ILE D 13 12.39 -2.99 26.45
N HIS D 14 13.12 -3.08 25.35
CA HIS D 14 13.58 -4.34 24.79
C HIS D 14 14.73 -5.00 25.55
N ARG D 15 14.97 -4.58 26.78
CA ARG D 15 16.12 -5.06 27.53
C ARG D 15 15.90 -6.41 28.20
N THR D 16 14.65 -6.87 28.23
CA THR D 16 14.32 -8.14 28.87
C THR D 16 14.21 -9.29 27.87
N GLN D 17 14.28 -8.98 26.59
CA GLN D 17 14.05 -9.98 25.55
C GLN D 17 15.28 -10.84 25.30
N LEU D 18 15.06 -12.14 25.10
CA LEU D 18 16.17 -13.08 24.93
C LEU D 18 16.96 -12.80 23.64
N TRP D 19 16.30 -12.15 22.68
CA TRP D 19 16.97 -11.82 21.42
C TRP D 19 17.75 -10.51 21.47
N PHE D 20 17.63 -9.74 22.55
CA PHE D 20 18.38 -8.50 22.65
C PHE D 20 19.71 -8.71 23.35
N HIS D 21 20.81 -8.39 22.69
CA HIS D 21 22.14 -8.69 23.23
C HIS D 21 22.91 -7.45 23.64
N GLY D 22 22.25 -6.31 23.71
CA GLY D 22 22.93 -5.10 24.16
C GLY D 22 24.07 -4.70 23.23
N ARG D 23 25.19 -4.29 23.82
CA ARG D 23 26.28 -3.78 23.02
C ARG D 23 27.29 -4.86 22.69
N ILE D 24 26.89 -5.81 21.85
CA ILE D 24 27.84 -6.74 21.25
C ILE D 24 28.19 -6.31 19.83
N SER D 25 29.32 -6.81 19.34
CA SER D 25 29.84 -6.33 18.06
C SER D 25 29.37 -7.17 16.88
N ARG D 26 29.50 -6.58 15.69
CA ARG D 26 29.16 -7.23 14.45
C ARG D 26 29.88 -8.57 14.25
N GLU D 27 31.19 -8.59 14.51
CA GLU D 27 31.96 -9.83 14.37
C GLU D 27 31.55 -10.84 15.44
N GLU D 28 31.27 -10.35 16.64
CA GLU D 28 30.78 -11.22 17.70
C GLU D 28 29.36 -11.78 17.43
N SER D 29 28.48 -10.99 16.83
CA SER D 29 27.14 -11.50 16.52
C SER D 29 27.23 -12.63 15.49
N GLN D 30 28.18 -12.50 14.57
CA GLN D 30 28.38 -13.49 13.54
C GLN D 30 28.98 -14.76 14.10
N ARG D 31 29.72 -14.62 15.20
CA ARG D 31 30.28 -15.80 15.86
C ARG D 31 29.14 -16.50 16.60
N LEU D 32 28.33 -15.73 17.32
CA LEU D 32 27.22 -16.29 18.07
C LEU D 32 26.25 -17.06 17.15
N ILE D 33 25.93 -16.49 16.00
CA ILE D 33 24.98 -17.08 15.05
C ILE D 33 25.62 -18.31 14.38
N GLY D 34 26.93 -18.24 14.13
CA GLY D 34 27.62 -19.36 13.52
C GLY D 34 27.67 -20.54 14.46
N GLN D 35 27.86 -20.26 15.75
CA GLN D 35 27.94 -21.31 16.76
C GLN D 35 26.61 -21.99 17.06
N GLN D 36 25.51 -21.49 16.51
CA GLN D 36 24.22 -22.12 16.75
C GLN D 36 23.71 -22.73 15.45
N GLY D 37 24.58 -22.85 14.45
CA GLY D 37 24.28 -23.69 13.32
C GLY D 37 24.19 -23.04 11.95
N LEU D 38 24.12 -21.71 11.91
CA LEU D 38 23.92 -20.99 10.66
C LEU D 38 22.63 -21.47 9.98
N VAL D 39 21.57 -21.56 10.78
CA VAL D 39 20.27 -21.95 10.28
C VAL D 39 19.50 -20.71 9.80
N ASP D 40 18.75 -20.86 8.72
CA ASP D 40 17.96 -19.77 8.18
C ASP D 40 17.03 -19.20 9.24
N GLY D 41 16.97 -17.89 9.37
CA GLY D 41 16.08 -17.27 10.34
C GLY D 41 16.63 -17.08 11.73
N LEU D 42 17.82 -17.60 11.99
CA LEU D 42 18.49 -17.35 13.26
C LEU D 42 18.74 -15.86 13.37
N PHE D 43 18.44 -15.24 14.51
CA PHE D 43 18.55 -13.78 14.58
C PHE D 43 18.82 -13.22 15.99
N LEU D 44 19.30 -11.97 16.04
CA LEU D 44 19.45 -11.24 17.29
C LEU D 44 19.42 -9.75 17.03
N VAL D 45 19.21 -8.96 18.08
CA VAL D 45 19.24 -7.51 17.98
C VAL D 45 20.30 -6.93 18.91
N ARG D 46 21.02 -5.94 18.41
CA ARG D 46 22.10 -5.32 19.19
C ARG D 46 22.10 -3.81 19.04
N GLU D 47 22.85 -3.12 19.88
CA GLU D 47 22.98 -1.68 19.71
C GLU D 47 24.05 -1.38 18.68
N SER D 48 23.80 -0.38 17.84
CA SER D 48 24.80 0.02 16.86
C SER D 48 25.94 0.75 17.56
N GLN D 49 27.17 0.38 17.24
CA GLN D 49 28.34 1.10 17.72
C GLN D 49 28.70 2.20 16.75
N ARG D 50 28.03 2.25 15.60
CA ARG D 50 28.37 3.22 14.57
C ARG D 50 27.33 4.30 14.41
N ASN D 51 26.08 3.91 14.59
CA ASN D 51 24.96 4.84 14.63
C ASN D 51 24.45 4.81 16.07
N PRO D 52 24.83 5.81 16.86
CA PRO D 52 24.75 5.75 18.33
C PRO D 52 23.34 5.59 18.90
N GLN D 53 22.32 6.11 18.22
CA GLN D 53 20.95 6.00 18.71
C GLN D 53 20.21 4.81 18.11
N GLY D 54 20.93 4.04 17.30
CA GLY D 54 20.32 3.01 16.49
C GLY D 54 20.57 1.60 16.98
N PHE D 55 19.88 0.64 16.36
CA PHE D 55 20.03 -0.78 16.70
C PHE D 55 20.32 -1.59 15.43
N VAL D 56 20.73 -2.86 15.58
CA VAL D 56 21.04 -3.69 14.43
C VAL D 56 20.40 -5.07 14.55
N LEU D 57 19.68 -5.45 13.50
CA LEU D 57 19.15 -6.79 13.40
C LEU D 57 20.14 -7.66 12.64
N SER D 58 20.71 -8.64 13.34
CA SER D 58 21.65 -9.57 12.74
C SER D 58 20.94 -10.91 12.51
N LEU D 59 20.97 -11.36 11.28
CA LEU D 59 20.11 -12.43 10.83
C LEU D 59 20.83 -13.40 9.92
N CYS D 60 20.60 -14.69 10.11
CA CYS D 60 21.17 -15.68 9.21
C CYS D 60 20.25 -15.95 8.02
N HIS D 61 20.81 -15.83 6.82
CA HIS D 61 20.12 -16.20 5.60
C HIS D 61 21.12 -16.79 4.60
N LEU D 62 20.83 -18.00 4.12
CA LEU D 62 21.70 -18.71 3.21
C LEU D 62 23.13 -18.83 3.75
N GLN D 63 23.23 -19.20 5.04
CA GLN D 63 24.51 -19.36 5.75
C GLN D 63 25.37 -18.10 5.72
N LYS D 64 24.75 -16.95 5.53
CA LYS D 64 25.48 -15.69 5.62
C LYS D 64 24.77 -14.80 6.64
N VAL D 65 25.54 -14.08 7.44
CA VAL D 65 24.93 -13.20 8.42
C VAL D 65 24.74 -11.80 7.84
N LYS D 66 23.49 -11.36 7.85
CA LYS D 66 23.15 -10.05 7.35
C LYS D 66 22.84 -9.18 8.55
N HIS D 67 23.03 -7.89 8.37
CA HIS D 67 22.88 -6.90 9.41
C HIS D 67 21.99 -5.79 8.90
N TYR D 68 20.90 -5.55 9.60
CA TYR D 68 19.94 -4.53 9.19
C TYR D 68 19.92 -3.39 10.17
N LEU D 69 20.25 -2.20 9.69
CA LEU D 69 20.25 -1.03 10.54
C LEU D 69 18.83 -0.61 10.86
N ILE D 70 18.61 -0.28 12.13
CA ILE D 70 17.34 0.21 12.63
C ILE D 70 17.56 1.60 13.23
N LEU D 71 16.94 2.61 12.64
CA LEU D 71 17.07 3.98 13.13
C LEU D 71 15.79 4.49 13.78
N PRO D 72 15.92 5.25 14.88
CA PRO D 72 14.79 5.92 15.53
C PRO D 72 14.46 7.25 14.88
N SER D 73 13.18 7.63 14.93
CA SER D 73 12.69 8.91 14.46
C SER D 73 11.53 9.35 15.36
N GLU D 74 11.20 10.63 15.30
CA GLU D 74 10.07 11.20 16.03
C GLU D 74 9.20 11.96 15.02
N GLU D 75 7.90 11.67 15.02
CA GLU D 75 6.99 12.32 14.09
C GLU D 75 6.11 13.31 14.82
N GLY D 77 5.04 14.08 17.55
CA GLY D 77 5.61 13.76 18.84
C GLY D 77 5.71 12.27 19.16
N ARG D 78 5.49 11.42 18.16
CA ARG D 78 5.59 9.98 18.37
C ARG D 78 6.91 9.37 17.90
N LEU D 79 7.55 8.59 18.77
CA LEU D 79 8.76 7.87 18.41
C LEU D 79 8.42 6.65 17.58
N TYR D 80 9.31 6.31 16.65
CA TYR D 80 9.19 5.06 15.92
C TYR D 80 10.55 4.55 15.48
N PHE D 81 10.59 3.27 15.10
CA PHE D 81 11.80 2.63 14.59
C PHE D 81 11.55 2.13 13.17
N SER D 82 12.56 2.23 12.32
CA SER D 82 12.42 1.86 10.90
C SER D 82 13.74 1.36 10.29
N MET D 83 13.64 0.41 9.36
CA MET D 83 14.78 -0.11 8.60
C MET D 83 14.78 0.40 7.17
N ASP D 84 13.79 1.23 6.85
CA ASP D 84 13.60 1.68 5.48
C ASP D 84 13.21 3.14 5.39
N ASP D 85 13.88 3.99 6.16
CA ASP D 85 13.71 5.44 6.06
C ASP D 85 12.25 5.85 6.32
N GLY D 86 11.58 5.17 7.24
CA GLY D 86 10.22 5.56 7.63
C GLY D 86 9.09 5.06 6.74
N GLN D 87 9.41 4.22 5.75
CA GLN D 87 8.37 3.63 4.88
C GLN D 87 7.55 2.60 5.64
N THR D 88 8.23 1.80 6.45
CA THR D 88 7.54 0.90 7.37
C THR D 88 7.98 1.30 8.78
N ARG D 89 7.02 1.57 9.66
CA ARG D 89 7.32 2.14 10.97
C ARG D 89 6.79 1.31 12.13
N PHE D 90 7.57 1.23 13.21
CA PHE D 90 7.25 0.40 14.39
C PHE D 90 7.35 1.17 15.70
N THR D 91 6.46 0.84 16.64
CA THR D 91 6.37 1.51 17.94
C THR D 91 7.61 1.31 18.81
N ASP D 92 8.17 0.11 18.76
CA ASP D 92 9.30 -0.30 19.56
C ASP D 92 10.00 -1.46 18.89
N LEU D 93 11.14 -1.89 19.43
CA LEU D 93 11.89 -3.01 18.88
C LEU D 93 11.14 -4.32 18.98
N LEU D 94 10.39 -4.49 20.05
CA LEU D 94 9.63 -5.71 20.28
C LEU D 94 8.62 -5.91 19.14
N GLN D 95 7.93 -4.83 18.82
CA GLN D 95 6.97 -4.86 17.73
C GLN D 95 7.61 -5.16 16.39
N LEU D 96 8.81 -4.62 16.16
CA LEU D 96 9.50 -4.85 14.89
C LEU D 96 9.84 -6.32 14.78
N VAL D 97 10.38 -6.86 15.85
CA VAL D 97 10.79 -8.26 15.86
C VAL D 97 9.56 -9.19 15.73
N GLU D 98 8.50 -8.89 16.47
CA GLU D 98 7.30 -9.76 16.44
C GLU D 98 6.64 -9.77 15.09
N PHE D 99 6.59 -8.60 14.46
CA PHE D 99 6.05 -8.44 13.12
C PHE D 99 6.81 -9.27 12.11
N HIS D 100 8.14 -9.24 12.20
CA HIS D 100 8.95 -9.89 11.19
C HIS D 100 9.10 -11.39 11.44
N GLN D 101 8.54 -11.89 12.52
CA GLN D 101 8.40 -13.34 12.66
C GLN D 101 7.24 -13.85 11.82
N LEU D 102 6.31 -12.95 11.47
CA LEU D 102 5.12 -13.31 10.69
C LEU D 102 5.15 -12.76 9.27
N ASN D 103 5.90 -11.69 9.05
CA ASN D 103 5.96 -11.03 7.77
C ASN D 103 7.41 -10.79 7.36
N ARG D 104 7.75 -11.05 6.11
CA ARG D 104 9.12 -10.91 5.66
C ARG D 104 9.55 -9.45 5.64
N GLY D 105 8.62 -8.58 5.27
CA GLY D 105 8.94 -7.17 5.10
C GLY D 105 10.08 -7.04 4.11
N ILE D 106 11.08 -6.23 4.45
CA ILE D 106 12.24 -6.05 3.57
C ILE D 106 13.27 -7.15 3.78
N LEU D 107 13.01 -8.06 4.71
CA LEU D 107 13.97 -9.12 5.06
C LEU D 107 13.99 -10.24 4.03
N PRO D 108 15.15 -10.93 3.89
CA PRO D 108 15.30 -12.07 2.98
C PRO D 108 14.58 -13.32 3.45
N CYS D 109 14.15 -13.34 4.70
CA CYS D 109 13.41 -14.47 5.29
C CYS D 109 12.75 -14.06 6.59
N LEU D 110 11.89 -14.92 7.10
CA LEU D 110 11.25 -14.65 8.38
C LEU D 110 12.24 -14.83 9.52
N LEU D 111 12.12 -13.99 10.54
CA LEU D 111 12.84 -14.22 11.76
C LEU D 111 12.23 -15.45 12.40
N ARG D 112 12.98 -16.54 12.47
CA ARG D 112 12.40 -17.73 13.02
C ARG D 112 12.89 -17.90 14.45
N HIS D 113 14.15 -18.27 14.61
CA HIS D 113 14.63 -18.59 15.94
C HIS D 113 15.62 -17.61 16.54
N CYS D 114 15.33 -17.29 17.77
CA CYS D 114 16.09 -16.35 18.55
C CYS D 114 17.41 -17.01 18.88
N CYS D 115 18.45 -16.19 18.98
CA CYS D 115 19.78 -16.72 19.14
C CYS D 115 20.29 -16.41 20.53
N LYS E 1 -18.99 3.52 0.68
CA LYS E 1 -20.22 3.11 -0.01
C LYS E 1 -21.06 4.33 -0.36
N PHE E 2 -21.85 4.21 -1.42
CA PHE E 2 -22.68 5.30 -1.90
C PHE E 2 -24.07 4.78 -2.22
N GLU E 3 -25.08 5.43 -1.67
CA GLU E 3 -26.45 4.97 -1.86
C GLU E 3 -26.80 4.99 -3.35
N GLY E 4 -27.13 3.82 -3.89
CA GLY E 4 -27.60 3.75 -5.26
C GLY E 4 -26.70 3.10 -6.30
N ASP E 6 -23.03 0.39 -6.14
CA ASP E 6 -22.37 -0.87 -5.81
C ASP E 6 -20.95 -0.73 -5.27
N ASN E 7 -20.47 0.50 -5.10
CA ASN E 7 -19.12 0.71 -4.61
C ASN E 7 -18.92 0.06 -3.25
N GLU E 8 -17.82 -0.67 -3.14
CA GLU E 8 -17.39 -1.12 -1.84
C GLU E 8 -15.96 -0.63 -1.56
N LYS F 1 11.20 -8.56 -4.98
CA LYS F 1 12.46 -7.83 -5.02
C LYS F 1 13.27 -8.16 -6.28
N PHE F 2 14.21 -7.27 -6.61
CA PHE F 2 15.03 -7.41 -7.80
C PHE F 2 16.46 -6.99 -7.44
N GLU F 3 17.44 -7.79 -7.83
CA GLU F 3 18.81 -7.55 -7.37
C GLU F 3 19.32 -6.19 -7.80
N GLY F 4 19.61 -5.34 -6.82
CA GLY F 4 20.21 -4.06 -7.13
C GLY F 4 19.28 -2.89 -6.94
N ASP F 6 15.53 -1.14 -5.47
CA ASP F 6 14.80 -0.86 -4.23
C ASP F 6 13.30 -1.27 -4.22
N ASN F 7 12.85 -2.02 -5.23
CA ASN F 7 11.45 -2.49 -5.26
C ASN F 7 11.15 -3.29 -4.00
N GLU F 8 9.94 -3.12 -3.48
CA GLU F 8 9.48 -4.02 -2.42
C GLU F 8 7.99 -4.34 -2.60
N LYS G 1 -11.82 -8.93 -0.17
CA LYS G 1 -13.02 -8.33 0.38
C LYS G 1 -13.84 -9.30 1.21
N PHE G 2 -14.65 -8.76 2.11
CA PHE G 2 -15.57 -9.53 2.94
C PHE G 2 -16.96 -8.84 2.96
N GLU G 3 -18.02 -9.62 2.85
CA GLU G 3 -19.37 -9.06 2.71
C GLU G 3 -19.78 -8.23 3.90
N GLY G 4 -20.02 -6.95 3.66
CA GLY G 4 -20.57 -6.08 4.69
C GLY G 4 -19.55 -5.26 5.46
N ASP G 6 -15.46 -3.29 4.70
CA ASP G 6 -14.76 -2.33 3.84
C ASP G 6 -13.31 -2.71 3.51
N ASN G 7 -12.86 -3.88 3.96
CA ASN G 7 -11.52 -4.36 3.60
C ASN G 7 -11.33 -4.36 2.09
N GLU G 8 -10.22 -3.80 1.61
CA GLU G 8 -9.83 -3.96 0.23
C GLU G 8 -8.37 -4.34 0.15
N LYS H 1 19.07 2.50 1.68
CA LYS H 1 20.26 1.72 1.96
C LYS H 1 21.19 2.51 2.88
N PHE H 2 22.07 1.79 3.57
CA PHE H 2 22.94 2.38 4.58
C PHE H 2 24.32 1.76 4.46
N GLU H 3 25.34 2.61 4.49
CA GLU H 3 26.71 2.15 4.43
C GLU H 3 26.96 1.16 5.55
N GLY H 4 27.43 -0.04 5.21
CA GLY H 4 27.90 -0.98 6.20
C GLY H 4 26.88 -2.02 6.62
N ASP H 6 23.13 -4.15 5.20
CA ASP H 6 22.43 -4.92 4.17
C ASP H 6 21.00 -4.43 3.86
N ASN H 7 20.52 -3.39 4.54
CA ASN H 7 19.17 -2.90 4.24
C ASN H 7 18.94 -2.67 2.75
N GLU H 8 17.80 -3.10 2.23
CA GLU H 8 17.38 -2.59 0.92
C GLU H 8 15.92 -2.18 0.97
#